data_3HRG
#
_entry.id   3HRG
#
_cell.length_a   64.706
_cell.length_b   91.181
_cell.length_c   48.620
_cell.angle_alpha   90.000
_cell.angle_beta   90.000
_cell.angle_gamma   90.000
#
_symmetry.space_group_name_H-M   'P 21 21 2'
#
loop_
_entity.id
_entity.type
_entity.pdbx_description
1 polymer 'uncharacterized protein BT_3980 with actin-like ATPase fold'
2 non-polymer 'UNKNOWN LIGAND'
3 non-polymer 1,2-ETHANEDIOL
4 non-polymer DI(HYDROXYETHYL)ETHER
5 water water
#
_entity_poly.entity_id   1
_entity_poly.type   'polypeptide(L)'
_entity_poly.pdbx_seq_one_letter_code
;G(MSE)IDFTKSKQYTLSIRLSTDGFSFSIYNPINDNSQSLFEKEVDTSLSLTANLKNVFHESDFLSYSYKRVNI(MSE)
IASKRFT(MSE)IPLELFEEEQAELLFYHNHQKRENEIV(MSE)YNILKKNNVVIIFGIDKSTYTFLNEQYPEARFYSQS
TPLIEYFSIKSRLGNSKK(MSE)YASVRKDAIDIYCFERGQLLLANSFEC(MSE)QTEDRIYYLLYVWKQLEFNQERDEL
HLTGTLSDKETL(MSE)NELKKFILQVFI(MSE)NPANNID(MSE)QALLTCE
;
_entity_poly.pdbx_strand_id   A
#
loop_
_chem_comp.id
_chem_comp.type
_chem_comp.name
_chem_comp.formula
EDO non-polymer 1,2-ETHANEDIOL 'C2 H6 O2'
PEG non-polymer DI(HYDROXYETHYL)ETHER 'C4 H10 O3'
UNL non-polymer 'UNKNOWN LIGAND' ?
#
# COMPACT_ATOMS: atom_id res chain seq x y z
N GLY A 1 -6.16 21.60 10.63
N GLY A 1 -6.54 24.67 9.87
CA GLY A 1 -6.37 22.01 9.21
CA GLY A 1 -6.31 23.32 9.21
C GLY A 1 -7.84 21.93 8.89
C GLY A 1 -7.58 22.76 8.58
N MSE A 2 -8.65 22.90 9.36
CA MSE A 2 -10.10 22.76 9.12
CA MSE A 2 -10.04 22.52 9.07
C MSE A 2 -10.52 22.75 7.63
O MSE A 2 -10.27 23.75 6.97
CB MSE A 2 -10.85 23.86 9.85
CB MSE A 2 -11.02 23.30 9.98
CG MSE A 2 -10.73 23.86 11.41
CG MSE A 2 -10.92 22.91 11.40
SE MSE A 2 -11.62 22.39 12.38
SE MSE A 2 -12.20 23.71 12.61
CE MSE A 2 -13.42 22.72 11.73
CE MSE A 2 -11.34 22.94 14.09
N ILE A 3 -11.21 21.72 7.19
CA ILE A 3 -11.71 21.63 5.84
C ILE A 3 -13.04 22.37 5.68
N ASP A 4 -13.10 23.26 4.69
CA ASP A 4 -14.32 23.93 4.34
C ASP A 4 -14.92 22.99 3.30
N PHE A 5 -15.93 22.22 3.68
CA PHE A 5 -16.52 21.24 2.76
C PHE A 5 -17.24 21.83 1.55
N THR A 6 -17.60 23.11 1.61
CA THR A 6 -18.22 23.76 0.45
C THR A 6 -17.19 23.99 -0.66
N LYS A 7 -15.88 23.82 -0.35
CA LYS A 7 -14.82 23.94 -1.36
C LYS A 7 -14.35 22.54 -1.83
N SER A 8 -15.10 21.48 -1.51
CA SER A 8 -14.71 20.12 -1.86
C SER A 8 -14.37 19.89 -3.34
N LYS A 9 -15.04 20.63 -4.24
CA LYS A 9 -14.79 20.50 -5.69
C LYS A 9 -13.37 20.89 -6.12
N GLN A 10 -12.63 21.57 -5.23
CA GLN A 10 -11.22 21.85 -5.49
C GLN A 10 -10.25 20.86 -4.82
N TYR A 11 -10.77 19.94 -4.02
CA TYR A 11 -9.96 19.08 -3.20
C TYR A 11 -9.91 17.63 -3.66
N THR A 12 -8.91 16.92 -3.15
CA THR A 12 -8.65 15.54 -3.50
C THR A 12 -8.99 14.66 -2.31
N LEU A 13 -9.83 13.67 -2.52
CA LEU A 13 -10.19 12.69 -1.49
C LEU A 13 -9.35 11.45 -1.74
N SER A 14 -8.68 10.94 -0.72
CA SER A 14 -7.89 9.70 -0.85
C SER A 14 -8.49 8.71 0.14
N ILE A 15 -8.72 7.51 -0.35
CA ILE A 15 -9.34 6.44 0.38
C ILE A 15 -8.45 5.23 0.40
N ARG A 16 -8.14 4.72 1.60
CA ARG A 16 -7.33 3.49 1.73
CA ARG A 16 -7.33 3.51 1.71
C ARG A 16 -8.23 2.40 2.25
N LEU A 17 -8.32 1.30 1.50
CA LEU A 17 -9.13 0.15 1.87
C LEU A 17 -8.25 -1.02 2.29
N SER A 18 -8.55 -1.58 3.44
CA SER A 18 -7.86 -2.75 3.92
C SER A 18 -8.77 -3.49 4.87
N THR A 19 -8.40 -4.73 5.16
CA THR A 19 -9.16 -5.53 6.10
C THR A 19 -8.96 -5.02 7.56
N ASP A 20 -7.88 -4.27 7.79
N ASP A 20 -7.91 -4.26 7.83
CA ASP A 20 -7.55 -3.66 9.08
CA ASP A 20 -7.68 -3.76 9.18
C ASP A 20 -8.30 -2.37 9.39
C ASP A 20 -8.23 -2.33 9.38
N GLY A 21 -9.05 -1.82 8.43
CA GLY A 21 -9.71 -0.52 8.57
C GLY A 21 -9.63 0.36 7.33
N PHE A 22 -10.51 1.35 7.25
CA PHE A 22 -10.48 2.27 6.13
C PHE A 22 -10.03 3.65 6.61
N SER A 23 -9.21 4.33 5.79
CA SER A 23 -8.67 5.65 6.07
C SER A 23 -9.05 6.58 4.97
N PHE A 24 -9.35 7.81 5.31
CA PHE A 24 -9.76 8.82 4.38
C PHE A 24 -8.99 10.12 4.65
N SER A 25 -8.53 10.81 3.61
CA SER A 25 -7.89 12.09 3.80
C SER A 25 -8.30 13.03 2.67
N ILE A 26 -8.34 14.31 3.00
CA ILE A 26 -8.70 15.37 2.07
C ILE A 26 -7.47 16.26 1.95
N TYR A 27 -7.02 16.47 0.71
CA TYR A 27 -5.88 17.29 0.36
C TYR A 27 -6.35 18.54 -0.38
N ASN A 28 -5.89 19.69 0.10
CA ASN A 28 -6.18 21.02 -0.43
C ASN A 28 -4.95 21.49 -1.19
N PRO A 29 -4.99 21.53 -2.53
CA PRO A 29 -3.80 22.02 -3.26
C PRO A 29 -3.69 23.55 -3.30
N ILE A 30 -4.79 24.25 -3.00
CA ILE A 30 -4.82 25.71 -3.04
C ILE A 30 -3.93 26.28 -1.94
N ASN A 31 -4.14 25.87 -0.69
N ASN A 31 -4.21 25.85 -0.70
CA ASN A 31 -3.29 26.33 0.41
CA ASN A 31 -3.44 26.23 0.49
C ASN A 31 -2.21 25.29 0.75
C ASN A 31 -2.29 25.27 0.78
N ASP A 32 -2.22 24.16 0.05
CA ASP A 32 -1.22 23.08 0.22
C ASP A 32 -1.15 22.46 1.63
N ASN A 33 -2.17 21.68 1.97
CA ASN A 33 -2.25 20.96 3.25
C ASN A 33 -3.23 19.78 3.18
N SER A 34 -3.03 18.80 4.08
CA SER A 34 -3.88 17.60 4.19
C SER A 34 -4.55 17.47 5.54
N GLN A 35 -5.61 16.67 5.57
CA GLN A 35 -6.39 16.41 6.77
C GLN A 35 -6.92 14.98 6.79
N SER A 36 -6.47 14.19 7.76
CA SER A 36 -6.97 12.82 7.90
C SER A 36 -8.32 13.04 8.44
N LEU A 37 -9.30 12.87 7.57
CA LEU A 37 -10.67 13.19 7.90
C LEU A 37 -11.40 12.15 8.71
N PHE A 38 -11.08 10.88 8.48
CA PHE A 38 -11.78 9.84 9.19
C PHE A 38 -11.07 8.49 9.12
N GLU A 39 -11.27 7.71 10.19
CA GLU A 39 -10.78 6.34 10.30
C GLU A 39 -12.02 5.50 10.59
N LYS A 40 -12.39 4.63 9.67
CA LYS A 40 -13.54 3.74 9.86
C LYS A 40 -13.02 2.37 10.28
N GLU A 41 -13.49 1.88 11.44
CA GLU A 41 -13.10 0.56 11.96
C GLU A 41 -13.89 -0.48 11.16
N VAL A 42 -13.23 -1.52 10.65
CA VAL A 42 -13.97 -2.52 9.85
C VAL A 42 -14.50 -3.62 10.73
N ASP A 43 -15.72 -4.06 10.43
CA ASP A 43 -16.37 -5.17 11.12
C ASP A 43 -15.84 -6.40 10.39
N THR A 44 -14.96 -7.15 11.04
CA THR A 44 -14.33 -8.33 10.43
C THR A 44 -15.33 -9.45 10.15
N SER A 45 -16.56 -9.36 10.67
CA SER A 45 -17.61 -10.37 10.39
C SER A 45 -18.39 -10.07 9.09
N LEU A 46 -18.12 -8.94 8.46
CA LEU A 46 -18.75 -8.54 7.22
C LEU A 46 -17.70 -8.44 6.13
N SER A 47 -18.16 -8.49 4.89
CA SER A 47 -17.30 -8.37 3.71
C SER A 47 -16.80 -6.94 3.55
N LEU A 48 -15.82 -6.80 2.68
N LEU A 48 -15.77 -6.73 2.74
CA LEU A 48 -15.22 -5.51 2.32
CA LEU A 48 -15.30 -5.34 2.53
C LEU A 48 -16.28 -4.58 1.80
C LEU A 48 -16.34 -4.50 1.83
N THR A 49 -17.07 -5.08 0.85
CA THR A 49 -18.13 -4.31 0.18
C THR A 49 -19.25 -3.90 1.14
N ALA A 50 -19.64 -4.82 2.05
CA ALA A 50 -20.68 -4.51 3.04
C ALA A 50 -20.19 -3.43 3.99
N ASN A 51 -18.93 -3.49 4.39
CA ASN A 51 -18.35 -2.44 5.24
C ASN A 51 -18.32 -1.11 4.51
N LEU A 52 -17.96 -1.15 3.22
CA LEU A 52 -17.91 0.05 2.39
CA LEU A 52 -17.94 0.06 2.38
C LEU A 52 -19.29 0.69 2.26
N LYS A 53 -20.31 -0.12 1.96
CA LYS A 53 -21.66 0.41 1.82
C LYS A 53 -22.11 1.05 3.14
N ASN A 54 -21.77 0.42 4.27
CA ASN A 54 -22.11 1.00 5.58
C ASN A 54 -21.44 2.36 5.81
N VAL A 55 -20.16 2.49 5.52
CA VAL A 55 -19.45 3.77 5.78
CA VAL A 55 -19.43 3.75 5.74
C VAL A 55 -19.95 4.87 4.82
N PHE A 56 -20.29 4.53 3.58
CA PHE A 56 -20.83 5.53 2.65
C PHE A 56 -22.20 5.97 3.13
N HIS A 57 -22.99 5.04 3.66
CA HIS A 57 -24.30 5.41 4.17
C HIS A 57 -24.21 6.33 5.40
N GLU A 58 -23.29 6.04 6.31
CA GLU A 58 -23.12 6.78 7.56
C GLU A 58 -22.33 8.09 7.46
N SER A 59 -21.52 8.27 6.42
CA SER A 59 -20.65 9.42 6.31
C SER A 59 -21.04 10.48 5.30
N ASP A 60 -21.45 11.62 5.84
CA ASP A 60 -21.83 12.81 5.08
C ASP A 60 -20.70 13.34 4.17
N PHE A 61 -19.45 13.29 4.59
CA PHE A 61 -18.37 13.83 3.73
C PHE A 61 -18.13 13.04 2.42
N LEU A 62 -18.34 11.73 2.40
N LEU A 62 -18.65 11.81 2.40
CA LEU A 62 -18.00 10.91 1.21
CA LEU A 62 -18.68 11.00 1.22
C LEU A 62 -18.76 11.17 -0.10
C LEU A 62 -19.87 11.44 0.35
N SER A 63 -19.98 11.66 0.05
N SER A 63 -20.75 12.33 0.83
CA SER A 63 -20.85 11.96 -1.08
CA SER A 63 -21.80 12.83 -0.06
C SER A 63 -20.82 13.45 -1.56
C SER A 63 -21.30 14.03 -0.87
N TYR A 64 -19.99 14.31 -0.95
CA TYR A 64 -19.63 15.63 -1.54
C TYR A 64 -18.88 15.37 -2.86
N SER A 65 -18.83 16.36 -3.74
CA SER A 65 -18.07 16.22 -4.98
C SER A 65 -16.65 16.72 -4.78
N TYR A 66 -15.68 15.90 -5.18
CA TYR A 66 -14.26 16.23 -5.09
C TYR A 66 -13.66 16.41 -6.47
N LYS A 67 -12.56 17.15 -6.54
CA LYS A 67 -11.87 17.35 -7.82
C LYS A 67 -11.28 16.03 -8.29
N ARG A 68 -10.77 15.26 -7.35
CA ARG A 68 -10.13 13.98 -7.63
CA ARG A 68 -10.11 13.98 -7.64
C ARG A 68 -10.33 13.01 -6.49
N VAL A 69 -10.46 11.74 -6.84
CA VAL A 69 -10.61 10.68 -5.88
C VAL A 69 -9.62 9.56 -6.18
N ASN A 70 -8.71 9.30 -5.23
CA ASN A 70 -7.74 8.23 -5.31
C ASN A 70 -8.19 7.13 -4.37
N ILE A 71 -8.18 5.89 -4.86
CA ILE A 71 -8.55 4.74 -4.05
CA ILE A 71 -8.56 4.70 -4.12
C ILE A 71 -7.35 3.79 -4.03
N MSE A 72 -6.84 3.53 -2.81
CA MSE A 72 -5.71 2.63 -2.58
CA MSE A 72 -5.72 2.61 -2.57
CA MSE A 72 -5.72 2.61 -2.60
C MSE A 72 -6.19 1.30 -1.97
O MSE A 72 -6.86 1.31 -0.96
CB MSE A 72 -4.70 3.26 -1.62
CB MSE A 72 -4.69 3.16 -1.60
CB MSE A 72 -4.63 3.21 -1.70
CG MSE A 72 -3.76 4.25 -2.23
CG MSE A 72 -3.58 3.88 -2.20
CG MSE A 72 -3.58 4.09 -2.37
SE MSE A 72 -2.57 4.97 -0.86
SE MSE A 72 -2.23 4.00 -0.83
SE MSE A 72 -4.26 5.67 -3.29
CE MSE A 72 -2.41 3.30 0.11
CE MSE A 72 -3.18 5.09 0.53
CE MSE A 72 -5.49 6.25 -1.90
N ILE A 73 -5.76 0.18 -2.57
CA ILE A 73 -6.12 -1.13 -2.11
C ILE A 73 -4.93 -1.73 -1.39
N ALA A 74 -5.05 -1.91 -0.06
CA ALA A 74 -4.02 -2.53 0.75
C ALA A 74 -4.32 -4.01 0.75
N SER A 75 -3.46 -4.80 0.13
CA SER A 75 -3.69 -6.24 -0.03
C SER A 75 -2.41 -6.94 -0.41
N LYS A 76 -2.36 -8.25 -0.19
CA LYS A 76 -1.17 -9.00 -0.63
C LYS A 76 -1.29 -9.40 -2.07
N ARG A 77 -2.45 -9.14 -2.69
CA ARG A 77 -2.72 -9.60 -4.05
C ARG A 77 -2.23 -8.63 -5.09
N PHE A 78 -0.91 -8.58 -5.22
CA PHE A 78 -0.25 -7.73 -6.22
C PHE A 78 1.00 -8.44 -6.68
N THR A 79 1.44 -8.08 -7.88
CA THR A 79 2.63 -8.62 -8.50
C THR A 79 3.39 -7.50 -9.21
N MSE A 80 4.70 -7.44 -8.99
CA MSE A 80 5.52 -6.44 -9.64
C MSE A 80 6.21 -7.02 -10.85
O MSE A 80 6.72 -8.13 -10.77
CB MSE A 80 6.56 -5.88 -8.66
CG MSE A 80 7.45 -4.77 -9.22
SE MSE A 80 9.00 -5.33 -10.21
CE MSE A 80 10.05 -6.12 -8.77
N ILE A 81 6.21 -6.26 -11.95
CA ILE A 81 6.94 -6.69 -13.15
CA ILE A 81 6.85 -6.66 -13.21
C ILE A 81 7.69 -5.47 -13.72
N PRO A 82 8.96 -5.68 -14.14
CA PRO A 82 9.67 -4.54 -14.68
C PRO A 82 8.93 -4.04 -15.91
N LEU A 83 8.94 -2.74 -16.15
CA LEU A 83 8.22 -2.14 -17.29
C LEU A 83 8.63 -2.73 -18.62
N GLU A 84 9.93 -2.98 -18.78
CA GLU A 84 10.42 -3.54 -20.03
C GLU A 84 9.91 -4.98 -20.28
N LEU A 85 9.45 -5.66 -19.24
CA LEU A 85 8.87 -6.99 -19.35
C LEU A 85 7.34 -7.01 -19.33
N PHE A 86 6.71 -5.84 -19.19
CA PHE A 86 5.28 -5.76 -19.11
C PHE A 86 4.56 -5.49 -20.44
N GLU A 87 3.49 -6.25 -20.67
CA GLU A 87 2.61 -6.08 -21.79
C GLU A 87 1.19 -6.17 -21.23
N GLU A 88 0.35 -5.18 -21.53
CA GLU A 88 -1.02 -5.11 -21.03
C GLU A 88 -1.81 -6.37 -21.29
N GLU A 89 -1.63 -6.91 -22.48
CA GLU A 89 -2.32 -8.14 -22.90
CA GLU A 89 -2.34 -8.12 -22.88
C GLU A 89 -1.95 -9.36 -22.04
N GLN A 90 -0.76 -9.32 -21.39
N GLN A 90 -0.79 -9.31 -21.36
CA GLN A 90 -0.27 -10.37 -20.50
CA GLN A 90 -0.32 -10.38 -20.50
C GLN A 90 -0.58 -10.15 -18.99
C GLN A 90 -0.58 -10.15 -18.99
N ALA A 91 -1.09 -8.98 -18.61
CA ALA A 91 -1.35 -8.63 -17.20
C ALA A 91 -2.14 -9.65 -16.37
N GLU A 92 -3.30 -10.10 -16.85
CA GLU A 92 -4.10 -11.09 -16.11
CA GLU A 92 -4.08 -11.09 -16.08
C GLU A 92 -3.39 -12.46 -16.02
N LEU A 93 -2.78 -12.88 -17.14
CA LEU A 93 -2.04 -14.15 -17.18
C LEU A 93 -0.91 -14.15 -16.14
N LEU A 94 -0.14 -13.05 -16.11
CA LEU A 94 0.95 -12.87 -15.16
CA LEU A 94 0.96 -12.94 -15.17
C LEU A 94 0.45 -12.92 -13.73
N PHE A 95 -0.63 -12.20 -13.48
CA PHE A 95 -1.21 -12.15 -12.15
C PHE A 95 -1.64 -13.52 -11.65
N TYR A 96 -2.38 -14.25 -12.48
CA TYR A 96 -2.86 -15.60 -12.10
C TYR A 96 -1.82 -16.73 -12.12
N HIS A 97 -0.61 -16.45 -12.65
N HIS A 97 -0.60 -16.45 -12.62
CA HIS A 97 0.52 -17.37 -12.52
CA HIS A 97 0.53 -17.38 -12.49
C HIS A 97 1.25 -17.09 -11.16
C HIS A 97 1.06 -17.22 -11.06
N ASN A 98 0.85 -16.05 -10.45
CA ASN A 98 1.38 -15.73 -9.11
C ASN A 98 0.37 -15.76 -7.97
N HIS A 99 -0.93 -15.71 -8.29
CA HIS A 99 -2.00 -15.72 -7.27
C HIS A 99 -3.07 -16.70 -7.69
N GLN A 100 -3.74 -17.30 -6.70
CA GLN A 100 -4.80 -18.26 -6.95
CA GLN A 100 -4.74 -18.29 -7.00
C GLN A 100 -5.96 -17.58 -7.67
N LYS A 101 -6.55 -18.26 -8.64
CA LYS A 101 -7.70 -17.71 -9.38
C LYS A 101 -8.83 -17.38 -8.42
N ARG A 102 -9.64 -16.38 -8.78
CA ARG A 102 -10.75 -15.93 -7.96
C ARG A 102 -11.80 -15.27 -8.86
N GLU A 103 -13.04 -15.74 -8.79
CA GLU A 103 -14.09 -15.24 -9.68
C GLU A 103 -14.55 -13.79 -9.41
N ASN A 104 -14.73 -13.37 -8.16
CA ASN A 104 -15.21 -12.01 -7.92
C ASN A 104 -14.05 -11.02 -7.80
N GLU A 105 -13.07 -11.11 -8.71
CA GLU A 105 -11.90 -10.23 -8.70
C GLU A 105 -11.64 -9.63 -10.07
N ILE A 106 -11.29 -8.34 -10.07
CA ILE A 106 -10.90 -7.62 -11.28
C ILE A 106 -9.38 -7.36 -11.16
N VAL A 107 -8.64 -7.52 -12.25
CA VAL A 107 -7.20 -7.25 -12.27
C VAL A 107 -6.94 -5.89 -12.94
N MSE A 108 -6.22 -5.01 -12.23
CA MSE A 108 -5.86 -3.68 -12.69
CA MSE A 108 -5.86 -3.69 -12.76
C MSE A 108 -4.35 -3.55 -12.62
O MSE A 108 -3.69 -4.45 -12.12
CB MSE A 108 -6.44 -2.64 -11.76
CB MSE A 108 -6.59 -2.57 -12.03
CG MSE A 108 -7.87 -2.89 -11.36
CG MSE A 108 -8.13 -2.69 -12.07
SE MSE A 108 -8.59 -1.38 -10.46
SE MSE A 108 -9.06 -1.15 -11.28
CE MSE A 108 -8.64 -0.17 -12.02
CE MSE A 108 -10.61 -2.10 -10.69
N TYR A 109 -3.81 -2.45 -13.11
CA TYR A 109 -2.39 -2.22 -13.01
C TYR A 109 -2.04 -0.72 -12.99
N ASN A 110 -0.94 -0.40 -12.32
CA ASN A 110 -0.37 0.91 -12.28
C ASN A 110 1.05 0.89 -12.86
N ILE A 111 1.32 1.79 -13.79
CA ILE A 111 2.64 1.95 -14.33
C ILE A 111 3.38 3.03 -13.53
N LEU A 112 4.55 2.67 -13.01
CA LEU A 112 5.41 3.61 -12.28
C LEU A 112 6.52 3.96 -13.27
N LYS A 113 6.25 4.96 -14.12
CA LYS A 113 7.21 5.34 -15.21
C LYS A 113 8.62 5.70 -14.70
N LYS A 114 8.67 6.58 -13.69
CA LYS A 114 9.92 6.99 -13.06
C LYS A 114 10.75 5.82 -12.49
N ASN A 115 10.08 4.78 -11.97
CA ASN A 115 10.76 3.60 -11.39
C ASN A 115 10.92 2.41 -12.32
N ASN A 116 10.43 2.53 -13.56
CA ASN A 116 10.48 1.44 -14.55
C ASN A 116 9.88 0.11 -14.08
N VAL A 117 8.76 0.22 -13.37
CA VAL A 117 8.06 -0.98 -12.96
C VAL A 117 6.56 -0.82 -13.08
N VAL A 118 5.88 -1.96 -13.06
CA VAL A 118 4.42 -2.01 -13.09
C VAL A 118 3.95 -2.85 -11.95
N ILE A 119 2.88 -2.44 -11.29
CA ILE A 119 2.27 -3.19 -10.23
C ILE A 119 0.90 -3.63 -10.76
N ILE A 120 0.69 -4.94 -10.86
CA ILE A 120 -0.55 -5.59 -11.29
C ILE A 120 -1.23 -6.00 -9.99
N PHE A 121 -2.50 -5.64 -9.82
CA PHE A 121 -3.19 -5.85 -8.53
C PHE A 121 -4.67 -6.22 -8.69
N GLY A 122 -5.17 -6.97 -7.73
CA GLY A 122 -6.55 -7.39 -7.76
C GLY A 122 -7.40 -6.51 -6.87
N ILE A 123 -8.66 -6.40 -7.25
CA ILE A 123 -9.63 -5.67 -6.43
C ILE A 123 -10.94 -6.47 -6.49
N ASP A 124 -11.62 -6.59 -5.36
CA ASP A 124 -12.89 -7.29 -5.33
C ASP A 124 -13.85 -6.59 -6.32
N LYS A 125 -14.52 -7.36 -7.17
CA LYS A 125 -15.41 -6.78 -8.19
C LYS A 125 -16.62 -6.04 -7.64
N SER A 126 -17.24 -6.58 -6.60
CA SER A 126 -18.38 -5.92 -5.95
C SER A 126 -17.94 -4.55 -5.40
N THR A 127 -16.74 -4.52 -4.83
CA THR A 127 -16.14 -3.29 -4.31
C THR A 127 -15.90 -2.28 -5.44
N TYR A 128 -15.27 -2.74 -6.52
CA TYR A 128 -15.04 -1.90 -7.70
C TYR A 128 -16.34 -1.33 -8.29
N THR A 129 -17.35 -2.17 -8.46
CA THR A 129 -18.65 -1.74 -9.01
C THR A 129 -19.26 -0.66 -8.14
N PHE A 130 -19.21 -0.86 -6.84
CA PHE A 130 -19.76 0.12 -5.93
C PHE A 130 -19.00 1.44 -6.04
N LEU A 131 -17.67 1.40 -5.99
CA LEU A 131 -16.86 2.62 -6.07
C LEU A 131 -16.97 3.35 -7.43
N ASN A 132 -17.07 2.59 -8.52
CA ASN A 132 -17.22 3.18 -9.84
C ASN A 132 -18.57 3.91 -9.97
N GLU A 133 -19.59 3.42 -9.26
CA GLU A 133 -20.89 4.08 -9.25
C GLU A 133 -20.81 5.41 -8.52
N GLN A 134 -20.09 5.44 -7.38
CA GLN A 134 -19.96 6.68 -6.60
CA GLN A 134 -19.94 6.66 -6.59
C GLN A 134 -19.01 7.66 -7.28
N TYR A 135 -17.90 7.14 -7.82
CA TYR A 135 -16.89 7.95 -8.49
C TYR A 135 -16.48 7.42 -9.84
N PRO A 136 -17.20 7.82 -10.89
CA PRO A 136 -16.87 7.33 -12.22
C PRO A 136 -15.46 7.61 -12.73
N GLU A 137 -14.78 8.65 -12.21
CA GLU A 137 -13.39 8.97 -12.66
CA GLU A 137 -13.40 8.98 -12.65
C GLU A 137 -12.33 8.77 -11.55
N ALA A 138 -12.64 7.94 -10.55
CA ALA A 138 -11.66 7.64 -9.50
C ALA A 138 -10.42 6.98 -10.08
N ARG A 139 -9.27 7.23 -9.46
CA ARG A 139 -8.05 6.58 -9.88
CA ARG A 139 -8.00 6.64 -9.83
C ARG A 139 -7.80 5.48 -8.86
N PHE A 140 -7.60 4.25 -9.35
CA PHE A 140 -7.36 3.08 -8.46
C PHE A 140 -5.90 2.69 -8.41
N TYR A 141 -5.38 2.51 -7.19
CA TYR A 141 -3.99 2.12 -6.99
C TYR A 141 -3.83 0.99 -6.03
N SER A 142 -2.80 0.21 -6.26
CA SER A 142 -2.36 -0.74 -5.29
C SER A 142 -1.68 0.13 -4.26
N GLN A 143 -1.76 -0.22 -2.99
CA GLN A 143 -1.06 0.54 -1.94
C GLN A 143 0.46 0.50 -2.22
N SER A 144 0.93 -0.59 -2.82
CA SER A 144 2.33 -0.73 -3.20
C SER A 144 2.85 0.35 -4.18
N THR A 145 1.98 0.91 -5.01
CA THR A 145 2.38 1.93 -5.99
C THR A 145 2.97 3.22 -5.33
N PRO A 146 2.20 3.95 -4.51
CA PRO A 146 2.82 5.09 -3.84
C PRO A 146 3.94 4.69 -2.87
N LEU A 147 3.87 3.51 -2.24
CA LEU A 147 4.92 3.11 -1.31
C LEU A 147 6.27 2.94 -2.02
N ILE A 148 6.25 2.32 -3.19
CA ILE A 148 7.47 2.12 -3.98
C ILE A 148 8.04 3.45 -4.44
N GLU A 149 7.19 4.36 -4.92
CA GLU A 149 7.70 5.67 -5.33
C GLU A 149 8.36 6.42 -4.15
N TYR A 150 7.69 6.40 -3.01
CA TYR A 150 8.19 7.05 -1.82
C TYR A 150 9.50 6.41 -1.30
N PHE A 151 9.48 5.10 -1.10
CA PHE A 151 10.67 4.40 -0.62
C PHE A 151 11.85 4.46 -1.63
N SER A 152 11.56 4.49 -2.91
CA SER A 152 12.61 4.61 -3.93
C SER A 152 13.45 5.88 -3.66
N ILE A 153 12.76 6.99 -3.37
CA ILE A 153 13.42 8.28 -3.14
C ILE A 153 14.18 8.24 -1.82
N LYS A 154 13.55 7.70 -0.77
CA LYS A 154 14.20 7.58 0.53
C LYS A 154 15.44 6.69 0.50
N SER A 155 15.45 5.67 -0.35
CA SER A 155 16.57 4.73 -0.41
C SER A 155 17.85 5.30 -1.00
N ARG A 156 17.79 6.47 -1.64
CA ARG A 156 19.00 7.07 -2.23
C ARG A 156 19.98 7.64 -1.21
N LEU A 157 19.53 7.96 0.02
CA LEU A 157 20.42 8.49 1.07
C LEU A 157 21.28 7.35 1.62
N GLY A 158 22.60 7.43 1.48
CA GLY A 158 23.53 6.38 1.97
C GLY A 158 23.71 5.27 0.94
N ASN A 159 24.96 4.78 0.86
N ASN A 159 24.92 4.77 0.72
CA ASN A 159 25.39 3.73 -0.08
CA ASN A 159 25.14 3.73 -0.33
C ASN A 159 25.14 2.28 0.37
C ASN A 159 24.64 2.31 -0.05
N SER A 160 24.07 2.08 1.13
CA SER A 160 23.64 0.77 1.54
C SER A 160 22.37 0.36 0.79
N LYS A 161 22.13 -0.95 0.66
CA LYS A 161 20.87 -1.44 0.08
C LYS A 161 19.88 -1.35 1.22
N LYS A 162 18.60 -1.24 0.87
CA LYS A 162 17.60 -1.05 1.89
C LYS A 162 16.37 -1.92 1.68
N MSE A 163 15.88 -2.44 2.79
CA MSE A 163 14.66 -3.22 2.82
C MSE A 163 13.64 -2.43 3.62
O MSE A 163 13.91 -2.10 4.80
CB MSE A 163 14.88 -4.59 3.51
CG MSE A 163 13.60 -5.38 3.61
SE MSE A 163 13.82 -7.18 4.34
CE MSE A 163 14.91 -7.94 2.98
N TYR A 164 12.51 -2.11 3.01
CA TYR A 164 11.41 -1.39 3.68
C TYR A 164 10.28 -2.40 3.84
N ALA A 165 9.83 -2.61 5.07
CA ALA A 165 8.78 -3.55 5.38
C ALA A 165 7.60 -2.81 6.01
N SER A 166 6.43 -2.95 5.39
CA SER A 166 5.19 -2.35 5.85
C SER A 166 4.40 -3.51 6.44
N VAL A 167 4.26 -3.48 7.75
CA VAL A 167 3.61 -4.55 8.47
C VAL A 167 2.11 -4.27 8.62
N ARG A 168 1.28 -5.22 8.19
CA ARG A 168 -0.16 -5.15 8.33
C ARG A 168 -0.57 -6.28 9.26
N LYS A 169 -1.82 -6.30 9.68
CA LYS A 169 -2.28 -7.29 10.65
CA LYS A 169 -2.38 -7.30 10.59
C LYS A 169 -2.09 -8.74 10.17
N ASP A 170 -2.40 -9.03 8.91
CA ASP A 170 -2.28 -10.42 8.39
CA ASP A 170 -2.28 -10.40 8.35
C ASP A 170 -1.22 -10.60 7.27
N ALA A 171 -0.36 -9.61 7.07
CA ALA A 171 0.67 -9.69 6.06
C ALA A 171 1.76 -8.67 6.25
N ILE A 172 2.90 -8.96 5.63
CA ILE A 172 4.04 -8.05 5.62
C ILE A 172 4.36 -7.77 4.12
N ASP A 173 4.43 -6.51 3.74
CA ASP A 173 4.74 -6.06 2.38
C ASP A 173 6.20 -5.65 2.41
N ILE A 174 7.02 -6.26 1.55
CA ILE A 174 8.47 -6.03 1.53
C ILE A 174 8.89 -5.40 0.21
N TYR A 175 9.65 -4.31 0.31
CA TYR A 175 10.11 -3.51 -0.82
C TYR A 175 11.62 -3.29 -0.64
N CYS A 176 12.41 -3.81 -1.59
CA CYS A 176 13.86 -3.73 -1.49
C CYS A 176 14.48 -2.87 -2.58
N PHE A 177 15.53 -2.12 -2.22
CA PHE A 177 16.15 -1.18 -3.14
C PHE A 177 17.65 -1.08 -3.10
N GLU A 178 18.21 -0.67 -4.23
CA GLU A 178 19.62 -0.37 -4.35
C GLU A 178 19.66 0.94 -5.12
N ARG A 179 20.10 2.01 -4.43
CA ARG A 179 20.23 3.37 -4.96
CA ARG A 179 20.22 3.36 -4.99
C ARG A 179 19.02 3.76 -5.84
N GLY A 180 17.84 3.65 -5.24
CA GLY A 180 16.62 3.99 -5.92
C GLY A 180 16.05 2.96 -6.89
N GLN A 181 16.78 1.85 -7.19
CA GLN A 181 16.26 0.81 -8.11
CA GLN A 181 16.27 0.84 -8.13
C GLN A 181 15.54 -0.25 -7.32
N LEU A 182 14.30 -0.53 -7.70
CA LEU A 182 13.52 -1.53 -7.00
C LEU A 182 14.05 -2.90 -7.38
N LEU A 183 14.44 -3.68 -6.39
CA LEU A 183 14.97 -5.04 -6.57
C LEU A 183 13.90 -6.13 -6.38
N LEU A 184 12.91 -5.85 -5.52
CA LEU A 184 11.86 -6.78 -5.18
C LEU A 184 10.70 -6.10 -4.49
N ALA A 185 9.48 -6.55 -4.83
CA ALA A 185 8.26 -6.10 -4.15
C ALA A 185 7.34 -7.31 -3.99
N ASN A 186 7.13 -7.78 -2.77
CA ASN A 186 6.20 -8.89 -2.57
CA ASN A 186 6.28 -8.93 -2.50
C ASN A 186 5.58 -8.82 -1.18
N SER A 187 4.49 -9.54 -1.01
CA SER A 187 3.77 -9.58 0.23
C SER A 187 3.63 -11.02 0.67
N PHE A 188 3.73 -11.25 1.98
CA PHE A 188 3.64 -12.58 2.55
C PHE A 188 2.64 -12.61 3.69
N GLU A 189 1.79 -13.63 3.68
CA GLU A 189 0.79 -13.80 4.69
C GLU A 189 1.49 -14.21 5.99
N CYS A 190 1.23 -13.46 7.04
CA CYS A 190 1.78 -13.76 8.33
C CYS A 190 1.06 -12.89 9.34
N MSE A 191 0.81 -13.52 10.49
N MSE A 191 0.84 -13.40 10.53
CA MSE A 191 0.03 -13.01 11.60
CA MSE A 191 0.22 -12.61 11.58
C MSE A 191 0.85 -12.69 12.87
C MSE A 191 1.17 -12.40 12.74
O MSE A 191 0.43 -11.85 13.70
O MSE A 191 1.24 -11.30 13.29
CB MSE A 191 -0.95 -14.12 12.06
CB MSE A 191 -1.04 -13.27 12.09
CG MSE A 191 -1.52 -15.20 11.03
CG MSE A 191 -2.10 -13.42 11.03
SE MSE A 191 -2.94 -14.86 9.68
SE MSE A 191 -3.60 -14.43 11.72
CE MSE A 191 -1.91 -13.90 8.38
CE MSE A 191 -4.70 -14.46 10.12
N GLN A 192 1.94 -13.43 13.07
CA GLN A 192 2.77 -13.33 14.25
C GLN A 192 4.22 -13.16 14.03
N THR A 193 4.86 -12.78 15.12
CA THR A 193 6.25 -12.45 15.12
C THR A 193 7.15 -13.48 14.42
N GLU A 194 7.00 -14.76 14.74
CA GLU A 194 7.89 -15.79 14.13
C GLU A 194 7.76 -15.82 12.60
N ASP A 195 6.56 -15.67 12.06
CA ASP A 195 6.35 -15.66 10.59
CA ASP A 195 6.41 -15.72 10.60
C ASP A 195 6.87 -14.39 9.94
N ARG A 196 6.67 -13.26 10.63
CA ARG A 196 7.16 -11.99 10.11
C ARG A 196 8.68 -12.05 9.95
N ILE A 197 9.37 -12.51 11.00
CA ILE A 197 10.82 -12.63 10.97
C ILE A 197 11.26 -13.61 9.88
N TYR A 198 10.53 -14.72 9.78
CA TYR A 198 10.83 -15.74 8.79
C TYR A 198 10.91 -15.17 7.39
N TYR A 199 9.90 -14.39 7.01
CA TYR A 199 9.91 -13.82 5.64
C TYR A 199 10.91 -12.71 5.44
N LEU A 200 11.14 -11.89 6.46
CA LEU A 200 12.11 -10.81 6.38
C LEU A 200 13.50 -11.39 6.17
N LEU A 201 13.83 -12.43 6.94
CA LEU A 201 15.13 -13.08 6.80
C LEU A 201 15.27 -13.88 5.51
N TYR A 202 14.17 -14.46 5.05
CA TYR A 202 14.18 -15.20 3.79
C TYR A 202 14.57 -14.25 2.66
N VAL A 203 13.88 -13.12 2.58
CA VAL A 203 14.16 -12.16 1.51
C VAL A 203 15.58 -11.58 1.66
N TRP A 204 16.02 -11.32 2.89
CA TRP A 204 17.35 -10.80 3.11
C TRP A 204 18.39 -11.73 2.48
N LYS A 205 18.23 -13.04 2.73
CA LYS A 205 19.18 -14.04 2.22
CA LYS A 205 19.14 -14.06 2.23
C LYS A 205 19.04 -14.19 0.71
N GLN A 206 17.80 -14.18 0.21
CA GLN A 206 17.51 -14.29 -1.20
C GLN A 206 18.22 -13.23 -2.05
N LEU A 207 18.20 -12.00 -1.54
CA LEU A 207 18.81 -10.86 -2.26
C LEU A 207 20.27 -10.60 -1.92
N GLU A 208 20.83 -11.49 -1.09
CA GLU A 208 22.20 -11.47 -0.61
C GLU A 208 22.53 -10.14 0.05
N PHE A 209 21.61 -9.63 0.86
CA PHE A 209 21.86 -8.41 1.61
C PHE A 209 22.98 -8.66 2.62
N ASN A 210 23.77 -7.63 2.87
CA ASN A 210 24.92 -7.67 3.78
C ASN A 210 24.41 -7.41 5.20
N GLN A 211 24.61 -8.38 6.08
CA GLN A 211 24.14 -8.27 7.47
C GLN A 211 24.69 -7.06 8.26
N GLU A 212 25.87 -6.57 7.90
CA GLU A 212 26.51 -5.39 8.53
C GLU A 212 26.18 -4.03 7.91
N ARG A 213 26.24 -3.95 6.57
CA ARG A 213 26.04 -2.71 5.81
CA ARG A 213 26.06 -2.70 5.84
C ARG A 213 24.60 -2.35 5.49
N ASP A 214 23.82 -3.33 5.01
CA ASP A 214 22.43 -3.05 4.56
C ASP A 214 21.43 -2.80 5.67
N GLU A 215 20.31 -2.15 5.32
CA GLU A 215 19.37 -1.71 6.33
CA GLU A 215 19.36 -1.69 6.32
C GLU A 215 17.96 -2.20 6.18
N LEU A 216 17.33 -2.45 7.34
CA LEU A 216 15.92 -2.84 7.42
C LEU A 216 15.19 -1.69 8.10
N HIS A 217 14.15 -1.19 7.43
CA HIS A 217 13.29 -0.11 7.92
C HIS A 217 11.86 -0.65 8.05
N LEU A 218 11.30 -0.56 9.24
CA LEU A 218 9.98 -1.10 9.54
C LEU A 218 8.93 -0.02 9.80
N THR A 219 7.72 -0.26 9.31
CA THR A 219 6.62 0.64 9.57
C THR A 219 5.32 -0.16 9.64
N GLY A 220 4.27 0.44 10.21
N GLY A 220 4.30 0.48 10.22
CA GLY A 220 2.96 -0.21 10.30
CA GLY A 220 2.99 -0.12 10.45
C GLY A 220 2.49 -0.74 11.66
C GLY A 220 2.96 -0.50 11.93
N THR A 221 1.79 -1.87 11.61
N THR A 221 1.78 -0.58 12.52
CA THR A 221 1.22 -2.48 12.81
CA THR A 221 1.67 -0.96 13.93
C THR A 221 2.24 -3.35 13.54
C THR A 221 2.40 -2.26 14.14
N LEU A 222 3.05 -2.72 14.37
N LEU A 222 3.44 -2.22 14.96
CA LEU A 222 4.15 -3.41 15.04
CA LEU A 222 4.25 -3.39 15.20
C LEU A 222 3.83 -3.97 16.43
C LEU A 222 3.85 -3.99 16.51
N SER A 223 2.99 -5.00 16.45
CA SER A 223 2.60 -5.68 17.65
C SER A 223 3.79 -6.55 18.06
N ASP A 224 3.92 -6.80 19.37
CA ASP A 224 4.99 -7.62 19.90
C ASP A 224 6.34 -7.07 19.43
N LYS A 225 6.48 -5.75 19.49
CA LYS A 225 7.67 -5.06 18.99
C LYS A 225 8.97 -5.53 19.66
N GLU A 226 8.96 -5.66 20.97
CA GLU A 226 10.19 -6.04 21.68
C GLU A 226 10.75 -7.38 21.16
N THR A 227 9.88 -8.37 21.02
CA THR A 227 10.28 -9.69 20.53
C THR A 227 10.74 -9.63 19.09
N LEU A 228 9.98 -8.95 18.25
CA LEU A 228 10.32 -8.76 16.87
C LEU A 228 11.74 -8.16 16.72
N MSE A 229 11.98 -7.04 17.40
CA MSE A 229 13.27 -6.33 17.28
C MSE A 229 14.42 -7.15 17.87
O MSE A 229 15.52 -7.20 17.29
CB MSE A 229 13.20 -4.94 17.94
CG MSE A 229 12.18 -4.03 17.38
SE MSE A 229 12.66 -3.52 15.59
CE MSE A 229 13.97 -2.16 16.12
N ASN A 230 14.20 -7.79 19.00
CA ASN A 230 15.28 -8.60 19.60
C ASN A 230 15.76 -9.70 18.67
N GLU A 231 14.83 -10.38 18.01
CA GLU A 231 15.17 -11.45 17.07
C GLU A 231 15.79 -10.92 15.80
N LEU A 232 15.19 -9.91 15.19
CA LEU A 232 15.79 -9.35 13.97
C LEU A 232 17.21 -8.82 14.20
N LYS A 233 17.46 -8.19 15.34
CA LYS A 233 18.79 -7.60 15.65
CA LYS A 233 18.78 -7.60 15.58
C LYS A 233 19.91 -8.64 15.77
N LYS A 234 19.56 -9.91 15.95
CA LYS A 234 20.58 -10.94 16.02
C LYS A 234 21.25 -11.13 14.65
N PHE A 235 20.51 -10.85 13.59
CA PHE A 235 20.95 -11.07 12.23
C PHE A 235 21.18 -9.79 11.42
N ILE A 236 20.37 -8.76 11.65
CA ILE A 236 20.44 -7.52 10.90
C ILE A 236 20.94 -6.47 11.86
N LEU A 237 22.16 -6.01 11.62
CA LEU A 237 22.77 -5.07 12.54
C LEU A 237 22.23 -3.62 12.41
N GLN A 238 21.60 -3.27 11.29
CA GLN A 238 21.06 -1.91 11.09
C GLN A 238 19.54 -2.03 10.89
N VAL A 239 18.78 -1.97 11.99
CA VAL A 239 17.31 -2.08 11.95
C VAL A 239 16.71 -0.80 12.54
N PHE A 240 15.76 -0.21 11.84
CA PHE A 240 15.10 1.04 12.28
C PHE A 240 13.59 0.99 12.21
N ILE A 241 12.94 1.77 13.07
CA ILE A 241 11.49 1.94 13.07
C ILE A 241 11.31 3.28 12.41
N MSE A 242 10.64 3.29 11.28
CA MSE A 242 10.45 4.50 10.52
C MSE A 242 9.57 5.52 11.22
O MSE A 242 8.72 5.18 12.03
CB MSE A 242 9.77 4.21 9.19
CG MSE A 242 10.50 3.29 8.28
SE MSE A 242 9.57 3.29 6.59
CE MSE A 242 10.16 5.01 5.88
N ASN A 243 9.81 6.77 10.83
CA ASN A 243 9.06 7.92 11.28
C ASN A 243 8.37 8.38 9.98
N PRO A 244 7.03 8.34 9.91
CA PRO A 244 6.08 7.94 10.93
C PRO A 244 6.02 6.41 11.09
N ALA A 245 5.64 5.97 12.30
CA ALA A 245 5.52 4.55 12.65
C ALA A 245 4.22 3.90 12.16
N ASN A 246 3.33 4.70 11.55
CA ASN A 246 2.08 4.21 11.03
C ASN A 246 1.58 5.15 9.95
N ASN A 247 0.60 4.69 9.19
CA ASN A 247 -0.05 5.46 8.13
C ASN A 247 0.88 6.18 7.13
N ILE A 248 1.99 5.52 6.80
CA ILE A 248 2.97 6.06 5.84
C ILE A 248 2.40 6.16 4.40
N ASP A 249 1.40 5.31 4.10
CA ASP A 249 0.67 5.26 2.81
C ASP A 249 0.16 6.60 2.28
N MSE A 250 -0.46 7.40 3.16
CA MSE A 250 -1.04 8.71 2.78
C MSE A 250 0.10 9.70 2.62
O MSE A 250 0.05 10.57 1.74
CB MSE A 250 -2.03 9.25 3.84
CG MSE A 250 -3.37 8.51 4.03
SE MSE A 250 -4.54 8.50 2.46
CE MSE A 250 -6.18 7.74 3.23
N GLN A 251 1.11 9.59 3.51
CA GLN A 251 2.32 10.41 3.43
C GLN A 251 2.96 10.12 2.07
N ALA A 252 3.05 8.83 1.74
CA ALA A 252 3.57 8.36 0.45
C ALA A 252 2.72 8.88 -0.72
N LEU A 253 1.40 8.65 -0.66
CA LEU A 253 0.49 9.08 -1.71
C LEU A 253 0.51 10.61 -1.89
N LEU A 254 0.77 11.36 -0.81
CA LEU A 254 0.84 12.83 -0.87
C LEU A 254 2.13 13.34 -1.52
N THR A 255 3.22 12.60 -1.38
CA THR A 255 4.51 12.98 -1.96
C THR A 255 4.60 12.84 -3.50
N CYS A 256 3.70 12.07 -4.11
CA CYS A 256 3.72 11.78 -5.56
C CYS A 256 2.57 12.38 -6.39
N GLU A 257 2.68 12.18 -7.71
CA GLU A 257 1.67 12.64 -8.67
C GLU A 257 0.38 11.81 -8.55
O1 UNL B . -3.12 -9.03 3.07
O2 UNL B . -4.73 -9.44 1.27
O3 UNL B . -6.79 -10.90 2.02
O4 UNL B . -6.09 -8.44 2.45
O5 UNL B . -6.45 -9.43 0.28
O6 UNL B . -8.20 -10.00 1.59
O7 UNL B . -8.22 -11.53 0.40
O8 UNL B . -10.35 -9.73 2.42
O9 UNL B . -7.69 -13.07 0.28
O10 UNL B . -5.74 -12.45 0.29
C1 EDO C . -14.39 11.28 -9.95
O1 EDO C . -15.53 10.41 -10.04
C2 EDO C . -14.23 11.91 -8.58
O2 EDO C . -14.64 13.28 -8.63
C1 PEG D . -0.47 -19.63 -7.45
O1 PEG D . -0.92 -19.39 -8.80
C2 PEG D . 0.95 -19.11 -7.20
O2 PEG D . 1.94 -20.15 -7.24
C3 PEG D . 3.19 -19.77 -6.68
#